data_9BN9
#
_entry.id   9BN9
#
_cell.length_a   65.381
_cell.length_b   65.381
_cell.length_c   134.681
_cell.angle_alpha   90.00
_cell.angle_beta   90.00
_cell.angle_gamma   90.00
#
_symmetry.space_group_name_H-M   'P 41'
#
loop_
_entity.id
_entity.type
_entity.pdbx_description
1 polymer 'UDP-N-acetylmuramoylalanine--D-glutamate ligase'
2 non-polymer "URIDINE-5'-DIPHOSPHATE-N-ACETYLMURAMOYL-L-ALANINE"
3 non-polymer N-(4-{[(4S)-3-amino[1,2,4]triazolo[4,3-b]pyridazin-6-yl]sulfanyl}phenyl)acetamide
4 non-polymer 'SULFATE ION'
5 non-polymer 'CHLORIDE ION'
6 non-polymer GLYCEROL
7 water water
#
_entity_poly.entity_id   1
_entity_poly.type   'polypeptide(L)'
_entity_poly.pdbx_seq_one_letter_code
;MADYQGKNVVIIGLGLTGLSCVDFFLARGVTPRVMDTRMTPPGLDKLPEAVERHTGSLNDEWLMAADLIVASPGIALAHP
SLSAAADAGIEIVGDIELFCREAQAPIVAITGSNGKSTVTTLVGEMAKAAGVNVGVGGNIGLPALMLLDDECELYVLELS
SFQLETTSSLQAVAATILNVTEDHMDRYPFGLQQYRAA(KCX)LRIYENAKVCVVNADDALTMPIRGADERCVSFGVNMG
DYHLNHQQGETWLRVKGEKVLNVKEMKLSGQHNYTNALAALALADAAGLPRASSLKALTTFTGLPHRFEVVLEHNGVRWI
NDSKATNVGSTEAALNGLHVDGTLHLLLGGDGKSADFSPLARYLNGDNVRLYCFGRDGAQLAALRPEVAEQTETMEQAMR
LLAPRVQPGDMVLLSPACASLDQFKNFEQRGNEFARLAKELGGHHHHHH
;
_entity_poly.pdbx_strand_id   A
#
# COMPACT_ATOMS: atom_id res chain seq x y z
N ALA A 2 11.64 17.79 19.19
CA ALA A 2 10.67 17.30 20.21
C ALA A 2 11.41 16.66 21.38
N ASP A 3 10.85 16.82 22.57
CA ASP A 3 11.46 16.33 23.81
C ASP A 3 10.37 15.66 24.63
N TYR A 4 10.47 14.35 24.81
CA TYR A 4 9.43 13.57 25.49
C TYR A 4 9.78 13.22 26.94
N GLN A 5 10.90 13.71 27.45
CA GLN A 5 11.34 13.31 28.77
CA GLN A 5 11.35 13.33 28.77
C GLN A 5 10.31 13.72 29.81
N GLY A 6 10.01 12.78 30.71
CA GLY A 6 9.08 13.02 31.79
C GLY A 6 7.62 12.94 31.41
N LYS A 7 7.30 12.64 30.17
CA LYS A 7 5.92 12.64 29.72
C LYS A 7 5.29 11.27 29.93
N ASN A 8 3.98 11.27 30.13
CA ASN A 8 3.16 10.05 30.20
C ASN A 8 2.72 9.75 28.77
N VAL A 9 3.32 8.73 28.17
CA VAL A 9 3.13 8.40 26.76
C VAL A 9 2.37 7.09 26.67
N VAL A 10 1.29 7.10 25.90
CA VAL A 10 0.47 5.91 25.67
C VAL A 10 0.47 5.60 24.19
N ILE A 11 0.78 4.36 23.83
CA ILE A 11 0.78 3.89 22.45
C ILE A 11 -0.45 3.02 22.25
N ILE A 12 -1.18 3.26 21.16
CA ILE A 12 -2.27 2.38 20.76
C ILE A 12 -1.82 1.56 19.58
N GLY A 13 -1.90 0.24 19.75
CA GLY A 13 -1.55 -0.72 18.73
C GLY A 13 -0.33 -1.53 19.10
N LEU A 14 -0.51 -2.83 19.14
CA LEU A 14 0.57 -3.76 19.42
C LEU A 14 0.87 -4.58 18.18
N GLY A 15 0.98 -3.89 17.04
CA GLY A 15 1.49 -4.42 15.81
C GLY A 15 2.86 -3.90 15.49
N LEU A 16 3.21 -3.91 14.21
CA LEU A 16 4.55 -3.48 13.82
C LEU A 16 4.82 -2.05 14.23
N THR A 17 3.85 -1.16 14.00
CA THR A 17 4.04 0.24 14.33
C THR A 17 4.24 0.42 15.82
N GLY A 18 3.33 -0.18 16.61
CA GLY A 18 3.40 0.00 18.04
C GLY A 18 4.72 -0.47 18.62
N LEU A 19 5.21 -1.62 18.17
CA LEU A 19 6.49 -2.12 18.66
C LEU A 19 7.62 -1.16 18.28
N SER A 20 7.59 -0.59 17.08
CA SER A 20 8.62 0.37 16.71
C SER A 20 8.54 1.61 17.60
N CYS A 21 7.34 2.02 17.98
CA CYS A 21 7.20 3.17 18.86
C CYS A 21 7.70 2.86 20.27
N VAL A 22 7.42 1.65 20.77
CA VAL A 22 7.96 1.26 22.09
C VAL A 22 9.47 1.40 22.09
N ASP A 23 10.13 0.87 21.07
CA ASP A 23 11.59 0.95 21.02
C ASP A 23 12.07 2.39 20.93
N PHE A 24 11.38 3.21 20.14
CA PHE A 24 11.74 4.63 19.99
C PHE A 24 11.72 5.36 21.32
N PHE A 25 10.64 5.20 22.08
CA PHE A 25 10.56 5.91 23.36
C PHE A 25 11.56 5.38 24.37
N LEU A 26 11.70 4.06 24.47
CA LEU A 26 12.65 3.53 25.44
C LEU A 26 14.07 4.02 25.16
N ALA A 27 14.44 4.11 23.89
CA ALA A 27 15.78 4.56 23.54
C ALA A 27 16.00 6.04 23.85
N ARG A 28 14.92 6.79 24.06
CA ARG A 28 15.00 8.21 24.42
C ARG A 28 14.66 8.43 25.89
N GLY A 29 14.69 7.37 26.69
CA GLY A 29 14.52 7.50 28.13
C GLY A 29 13.09 7.64 28.61
N VAL A 30 12.13 7.13 27.86
CA VAL A 30 10.71 7.23 28.20
C VAL A 30 10.11 5.83 28.15
N THR A 31 9.49 5.41 29.24
CA THR A 31 8.81 4.12 29.29
C THR A 31 7.33 4.35 28.96
N PRO A 32 6.85 3.96 27.79
CA PRO A 32 5.44 4.16 27.45
C PRO A 32 4.60 3.00 27.99
N ARG A 33 3.29 3.18 27.91
CA ARG A 33 2.33 2.09 28.09
C ARG A 33 1.67 1.80 26.76
N VAL A 34 1.23 0.56 26.53
CA VAL A 34 0.70 0.14 25.24
CA VAL A 34 0.67 0.17 25.25
C VAL A 34 -0.66 -0.52 25.42
N MET A 35 -1.61 -0.19 24.56
CA MET A 35 -2.91 -0.83 24.56
C MET A 35 -3.32 -1.19 23.14
N ASP A 36 -4.28 -2.12 23.04
CA ASP A 36 -4.79 -2.55 21.74
C ASP A 36 -6.18 -3.12 21.97
N THR A 37 -7.12 -2.84 21.07
CA THR A 37 -8.47 -3.40 21.24
C THR A 37 -8.52 -4.90 21.00
N ARG A 38 -7.56 -5.45 20.25
CA ARG A 38 -7.50 -6.89 20.04
C ARG A 38 -7.06 -7.56 21.34
N MET A 39 -7.65 -8.72 21.64
CA MET A 39 -7.28 -9.42 22.86
CA MET A 39 -7.29 -9.43 22.86
C MET A 39 -5.87 -9.98 22.79
N THR A 40 -5.50 -10.56 21.65
CA THR A 40 -4.20 -11.21 21.48
CA THR A 40 -4.20 -11.19 21.48
C THR A 40 -3.56 -10.64 20.21
N PRO A 41 -3.09 -9.39 20.25
CA PRO A 41 -2.49 -8.79 19.05
C PRO A 41 -1.16 -9.44 18.72
N PRO A 42 -0.69 -9.26 17.49
CA PRO A 42 0.49 -10.02 17.05
C PRO A 42 1.75 -9.69 17.81
N GLY A 43 1.88 -8.48 18.33
CA GLY A 43 3.05 -8.08 19.07
C GLY A 43 3.03 -8.41 20.54
N LEU A 44 2.00 -9.10 21.03
CA LEU A 44 1.84 -9.29 22.46
C LEU A 44 3.09 -9.90 23.10
N ASP A 45 3.69 -10.89 22.46
CA ASP A 45 4.81 -11.59 23.06
C ASP A 45 6.17 -11.01 22.69
N LYS A 46 6.22 -9.96 21.88
CA LYS A 46 7.48 -9.31 21.52
C LYS A 46 7.75 -8.06 22.35
N LEU A 47 6.89 -7.76 23.26
CA LEU A 47 6.95 -6.53 24.01
C LEU A 47 7.96 -6.66 25.14
N PRO A 48 8.83 -5.67 25.36
CA PRO A 48 9.74 -5.74 26.50
C PRO A 48 8.98 -5.91 27.81
N GLU A 49 9.59 -6.63 28.75
CA GLU A 49 8.88 -7.02 29.96
C GLU A 49 8.53 -5.83 30.86
N ALA A 50 9.30 -4.75 30.79
CA ALA A 50 9.05 -3.59 31.63
C ALA A 50 7.90 -2.71 31.15
N VAL A 51 7.30 -3.01 30.00
CA VAL A 51 6.29 -2.14 29.40
C VAL A 51 4.91 -2.68 29.79
N GLU A 52 4.11 -1.85 30.45
CA GLU A 52 2.76 -2.23 30.80
C GLU A 52 1.88 -2.33 29.56
N ARG A 53 1.04 -3.35 29.53
CA ARG A 53 0.19 -3.60 28.37
C ARG A 53 -1.24 -3.87 28.77
N HIS A 54 -2.15 -3.41 27.92
CA HIS A 54 -3.59 -3.55 28.11
C HIS A 54 -4.18 -3.99 26.77
N THR A 55 -4.84 -5.15 26.74
CA THR A 55 -5.44 -5.65 25.50
C THR A 55 -6.94 -5.89 25.68
N GLY A 56 -7.62 -6.03 24.55
CA GLY A 56 -9.02 -6.36 24.51
C GLY A 56 -9.97 -5.18 24.49
N SER A 57 -9.46 -3.96 24.60
CA SER A 57 -10.24 -2.73 24.65
C SER A 57 -9.22 -1.59 24.74
N LEU A 58 -9.70 -0.37 24.51
CA LEU A 58 -8.91 0.80 24.90
C LEU A 58 -9.17 1.14 26.36
N ASN A 59 -8.11 1.55 27.05
CA ASN A 59 -8.18 1.85 28.47
C ASN A 59 -8.31 3.36 28.64
N ASP A 60 -9.49 3.82 29.05
CA ASP A 60 -9.74 5.24 29.20
C ASP A 60 -8.97 5.86 30.36
N GLU A 61 -8.69 5.09 31.42
CA GLU A 61 -7.87 5.59 32.50
C GLU A 61 -6.49 5.98 31.98
N TRP A 62 -5.93 5.17 31.09
CA TRP A 62 -4.62 5.49 30.54
C TRP A 62 -4.70 6.63 29.54
N LEU A 63 -5.69 6.60 28.65
CA LEU A 63 -5.80 7.65 27.64
C LEU A 63 -5.99 9.02 28.26
N MET A 64 -6.91 9.13 29.23
CA MET A 64 -7.24 10.42 29.81
C MET A 64 -6.16 10.94 30.75
N ALA A 65 -5.21 10.10 31.14
CA ALA A 65 -4.06 10.49 31.94
C ALA A 65 -2.85 10.86 31.08
N ALA A 66 -2.91 10.64 29.78
CA ALA A 66 -1.73 10.77 28.94
C ALA A 66 -1.36 12.23 28.68
N ASP A 67 -0.05 12.47 28.56
CA ASP A 67 0.43 13.70 27.95
C ASP A 67 0.54 13.59 26.44
N LEU A 68 0.74 12.37 25.93
CA LEU A 68 0.86 12.14 24.50
C LEU A 68 0.31 10.76 24.18
N ILE A 69 -0.57 10.69 23.19
CA ILE A 69 -1.11 9.44 22.67
C ILE A 69 -0.51 9.23 21.30
N VAL A 70 0.09 8.06 21.09
CA VAL A 70 0.70 7.69 19.83
C VAL A 70 -0.16 6.59 19.23
N ALA A 71 -0.90 6.94 18.19
CA ALA A 71 -1.90 6.06 17.60
C ALA A 71 -1.34 5.39 16.35
N SER A 72 -1.28 4.06 16.38
CA SER A 72 -0.97 3.30 15.18
C SER A 72 -2.02 3.59 14.10
N PRO A 73 -1.67 3.41 12.82
CA PRO A 73 -2.64 3.73 11.77
C PRO A 73 -3.87 2.86 11.79
N GLY A 74 -3.81 1.68 12.42
CA GLY A 74 -4.94 0.78 12.49
C GLY A 74 -6.03 1.11 13.48
N ILE A 75 -5.90 2.17 14.29
CA ILE A 75 -6.97 2.59 15.20
C ILE A 75 -7.57 3.87 14.63
N ALA A 76 -8.89 3.91 14.50
CA ALA A 76 -9.54 5.10 14.00
C ALA A 76 -9.49 6.22 15.03
N LEU A 77 -9.16 7.43 14.58
CA LEU A 77 -9.30 8.60 15.44
C LEU A 77 -10.73 8.76 15.92
N ALA A 78 -11.70 8.24 15.15
CA ALA A 78 -13.10 8.33 15.51
C ALA A 78 -13.52 7.32 16.56
N HIS A 79 -12.64 6.42 16.99
CA HIS A 79 -12.99 5.53 18.10
C HIS A 79 -13.45 6.40 19.27
N PRO A 80 -14.59 6.10 19.91
CA PRO A 80 -15.09 7.00 20.97
C PRO A 80 -14.09 7.33 22.05
N SER A 81 -13.22 6.39 22.44
CA SER A 81 -12.27 6.69 23.52
C SER A 81 -11.19 7.65 23.04
N LEU A 82 -10.77 7.48 21.79
CA LEU A 82 -9.73 8.33 21.24
C LEU A 82 -10.30 9.70 20.91
N SER A 83 -11.55 9.74 20.44
CA SER A 83 -12.21 11.01 20.20
C SER A 83 -12.43 11.78 21.52
N ALA A 84 -12.75 11.07 22.60
CA ALA A 84 -12.90 11.74 23.88
C ALA A 84 -11.58 12.36 24.33
N ALA A 85 -10.47 11.66 24.12
CA ALA A 85 -9.17 12.23 24.46
C ALA A 85 -8.89 13.48 23.65
N ALA A 86 -9.19 13.44 22.35
CA ALA A 86 -9.00 14.63 21.52
C ALA A 86 -9.86 15.78 22.01
N ASP A 87 -11.11 15.49 22.40
CA ASP A 87 -11.99 16.53 22.91
C ASP A 87 -11.38 17.22 24.13
N ALA A 88 -10.64 16.47 24.94
CA ALA A 88 -10.00 17.00 26.13
C ALA A 88 -8.69 17.73 25.83
N GLY A 89 -8.29 17.80 24.56
CA GLY A 89 -7.07 18.49 24.20
C GLY A 89 -5.81 17.69 24.41
N ILE A 90 -5.92 16.37 24.56
CA ILE A 90 -4.74 15.53 24.69
C ILE A 90 -4.13 15.32 23.30
N GLU A 91 -2.83 15.59 23.19
CA GLU A 91 -2.15 15.50 21.90
C GLU A 91 -2.12 14.07 21.41
N ILE A 92 -2.48 13.88 20.13
CA ILE A 92 -2.49 12.58 19.47
C ILE A 92 -1.64 12.70 18.21
N VAL A 93 -0.68 11.79 18.05
CA VAL A 93 0.20 11.76 16.89
C VAL A 93 0.34 10.29 16.47
N GLY A 94 0.92 10.06 15.30
CA GLY A 94 1.32 8.72 14.90
C GLY A 94 2.83 8.60 14.73
N ASP A 95 3.25 7.42 14.29
CA ASP A 95 4.70 7.18 14.14
C ASP A 95 5.31 8.07 13.07
N ILE A 96 4.58 8.36 11.99
CA ILE A 96 5.11 9.23 10.95
C ILE A 96 5.35 10.63 11.49
N GLU A 97 4.47 11.12 12.35
CA GLU A 97 4.69 12.40 13.00
C GLU A 97 5.95 12.38 13.85
N LEU A 98 6.11 11.34 14.68
CA LEU A 98 7.32 11.21 15.48
C LEU A 98 8.56 11.22 14.59
N PHE A 99 8.48 10.52 13.45
CA PHE A 99 9.59 10.46 12.51
C PHE A 99 9.93 11.84 11.96
N CYS A 100 8.91 12.57 11.50
CA CYS A 100 9.15 13.88 10.88
C CYS A 100 9.80 14.84 11.86
N ARG A 101 9.51 14.70 13.16
CA ARG A 101 10.09 15.57 14.17
C ARG A 101 11.57 15.28 14.41
N GLU A 102 12.06 14.11 13.98
CA GLU A 102 13.45 13.72 14.21
CA GLU A 102 13.46 13.76 14.21
C GLU A 102 14.28 13.65 12.94
N ALA A 103 13.67 13.46 11.79
CA ALA A 103 14.41 13.28 10.54
C ALA A 103 15.20 14.54 10.22
N GLN A 104 16.41 14.35 9.68
CA GLN A 104 17.29 15.47 9.34
C GLN A 104 17.77 15.39 7.90
N ALA A 105 16.98 14.76 7.04
CA ALA A 105 17.21 14.73 5.60
C ALA A 105 15.88 14.98 4.91
N PRO A 106 15.91 15.44 3.66
CA PRO A 106 14.67 15.65 2.92
C PRO A 106 13.88 14.36 2.80
N ILE A 107 12.56 14.51 2.73
CA ILE A 107 11.61 13.41 2.63
C ILE A 107 10.84 13.51 1.32
N VAL A 108 10.85 12.43 0.55
CA VAL A 108 9.92 12.23 -0.56
C VAL A 108 8.77 11.41 0.00
N ALA A 109 7.54 11.89 -0.18
CA ALA A 109 6.36 11.28 0.43
C ALA A 109 5.35 10.88 -0.64
N ILE A 110 4.93 9.61 -0.60
CA ILE A 110 4.13 9.02 -1.68
C ILE A 110 2.88 8.39 -1.09
N THR A 111 1.71 8.82 -1.54
CA THR A 111 0.46 8.13 -1.21
C THR A 111 -0.33 7.89 -2.50
N GLY A 112 -1.51 7.32 -2.34
CA GLY A 112 -2.35 6.93 -3.46
C GLY A 112 -3.02 5.61 -3.18
N SER A 113 -4.04 5.28 -3.96
CA SER A 113 -4.76 4.03 -3.76
C SER A 113 -4.07 2.83 -4.40
N ASN A 114 -3.24 3.06 -5.42
CA ASN A 114 -2.51 1.99 -6.09
C ASN A 114 -1.19 2.57 -6.59
N GLY A 115 -0.15 1.74 -6.64
CA GLY A 115 1.15 2.12 -7.16
C GLY A 115 2.13 2.63 -6.14
N LYS A 116 1.74 2.78 -4.87
CA LYS A 116 2.57 3.44 -3.89
C LYS A 116 3.89 2.75 -3.68
N SER A 117 3.86 1.42 -3.47
CA SER A 117 5.10 0.72 -3.13
C SER A 117 6.04 0.69 -4.32
N THR A 118 5.48 0.59 -5.53
CA THR A 118 6.29 0.59 -6.74
C THR A 118 7.00 1.93 -6.90
N VAL A 119 6.26 3.02 -6.76
CA VAL A 119 6.87 4.35 -6.90
C VAL A 119 7.87 4.59 -5.78
N THR A 120 7.52 4.22 -4.54
CA THR A 120 8.42 4.38 -3.41
C THR A 120 9.73 3.64 -3.66
N THR A 121 9.63 2.38 -4.09
CA THR A 121 10.83 1.59 -4.32
C THR A 121 11.63 2.15 -5.47
N LEU A 122 10.95 2.59 -6.55
CA LEU A 122 11.65 3.19 -7.67
C LEU A 122 12.47 4.41 -7.25
N VAL A 123 11.86 5.32 -6.49
CA VAL A 123 12.61 6.50 -6.06
C VAL A 123 13.82 6.08 -5.21
N GLY A 124 13.62 5.10 -4.32
CA GLY A 124 14.76 4.57 -3.58
C GLY A 124 15.87 4.05 -4.47
N GLU A 125 15.51 3.32 -5.54
CA GLU A 125 16.51 2.80 -6.47
C GLU A 125 17.19 3.92 -7.25
N MET A 126 16.44 4.97 -7.59
CA MET A 126 17.03 6.13 -8.24
C MET A 126 18.07 6.77 -7.34
N ALA A 127 17.77 6.88 -6.04
CA ALA A 127 18.73 7.44 -5.09
C ALA A 127 19.94 6.55 -4.95
N LYS A 128 19.74 5.23 -4.83
CA LYS A 128 20.88 4.32 -4.70
CA LYS A 128 20.88 4.32 -4.70
C LYS A 128 21.78 4.40 -5.93
N ALA A 129 21.19 4.51 -7.12
CA ALA A 129 21.97 4.58 -8.34
C ALA A 129 22.84 5.82 -8.39
N ALA A 130 22.43 6.87 -7.68
CA ALA A 130 23.19 8.12 -7.58
C ALA A 130 24.21 8.10 -6.45
N GLY A 131 24.29 7.01 -5.69
CA GLY A 131 25.21 6.95 -4.58
C GLY A 131 24.73 7.66 -3.34
N VAL A 132 23.43 7.91 -3.24
CA VAL A 132 22.84 8.62 -2.11
C VAL A 132 22.48 7.60 -1.04
N ASN A 133 22.77 7.94 0.20
CA ASN A 133 22.41 7.12 1.35
C ASN A 133 20.93 7.36 1.61
N VAL A 134 20.09 6.38 1.30
CA VAL A 134 18.64 6.56 1.27
C VAL A 134 17.98 5.57 2.22
N GLY A 135 16.96 6.03 2.93
CA GLY A 135 16.14 5.18 3.78
C GLY A 135 14.74 5.12 3.20
N VAL A 136 14.24 3.90 2.99
CA VAL A 136 12.96 3.65 2.35
C VAL A 136 12.06 2.90 3.33
N GLY A 137 10.89 3.44 3.61
CA GLY A 137 10.02 2.77 4.56
C GLY A 137 8.67 3.42 4.66
N GLY A 138 8.00 3.17 5.78
CA GLY A 138 6.62 3.56 5.96
C GLY A 138 5.66 2.43 5.70
N ASN A 139 4.54 2.75 5.09
CA ASN A 139 3.47 1.79 4.85
C ASN A 139 3.92 0.61 4.01
N ILE A 140 5.01 0.75 3.26
CA ILE A 140 5.59 -0.35 2.49
C ILE A 140 5.98 -1.52 3.37
N GLY A 141 6.22 -1.30 4.66
CA GLY A 141 6.43 -2.41 5.57
C GLY A 141 7.55 -2.28 6.57
N LEU A 142 8.49 -1.37 6.36
CA LEU A 142 9.54 -1.10 7.33
C LEU A 142 9.15 0.14 8.11
N PRO A 143 8.78 0.02 9.39
CA PRO A 143 8.30 1.19 10.12
C PRO A 143 9.30 2.35 10.05
N ALA A 144 8.77 3.53 9.75
CA ALA A 144 9.63 4.68 9.47
C ALA A 144 10.62 4.98 10.58
N LEU A 145 10.24 4.82 11.85
CA LEU A 145 11.15 5.15 12.93
C LEU A 145 12.42 4.31 12.87
N MET A 146 12.36 3.11 12.28
CA MET A 146 13.55 2.28 12.13
C MET A 146 14.52 2.80 11.09
N LEU A 147 14.13 3.79 10.30
CA LEU A 147 15.02 4.37 9.29
C LEU A 147 15.93 5.45 9.85
N LEU A 148 15.60 6.02 11.01
CA LEU A 148 16.31 7.22 11.47
C LEU A 148 17.79 6.93 11.58
N ASP A 149 18.59 7.76 10.91
CA ASP A 149 20.02 7.54 10.79
C ASP A 149 20.63 8.88 10.43
N ASP A 150 21.55 9.38 11.27
CA ASP A 150 22.16 10.68 11.03
C ASP A 150 22.95 10.75 9.73
N GLU A 151 23.31 9.60 9.15
CA GLU A 151 24.02 9.58 7.88
C GLU A 151 23.08 9.53 6.70
N CYS A 152 21.79 9.34 6.92
CA CYS A 152 20.85 9.27 5.81
C CYS A 152 20.78 10.63 5.14
N GLU A 153 20.78 10.61 3.81
CA GLU A 153 20.77 11.81 2.99
C GLU A 153 19.42 12.06 2.34
N LEU A 154 18.53 11.07 2.33
CA LEU A 154 17.21 11.19 1.72
C LEU A 154 16.35 10.09 2.31
N TYR A 155 15.13 10.44 2.68
CA TYR A 155 14.13 9.44 3.08
C TYR A 155 13.04 9.38 2.02
N VAL A 156 12.58 8.17 1.72
CA VAL A 156 11.45 7.95 0.83
C VAL A 156 10.41 7.19 1.64
N LEU A 157 9.27 7.83 1.87
CA LEU A 157 8.21 7.25 2.70
C LEU A 157 6.97 6.97 1.87
N GLU A 158 6.51 5.73 1.92
CA GLU A 158 5.17 5.39 1.48
C GLU A 158 4.24 5.69 2.64
N LEU A 159 3.19 6.48 2.39
CA LEU A 159 2.26 6.89 3.43
C LEU A 159 0.84 6.49 3.06
N SER A 160 0.12 5.98 4.04
CA SER A 160 -1.29 5.70 3.89
C SER A 160 -2.12 6.91 4.33
N SER A 161 -3.39 6.90 3.93
CA SER A 161 -4.32 7.90 4.43
C SER A 161 -4.38 7.88 5.96
N PHE A 162 -4.33 6.68 6.56
CA PHE A 162 -4.40 6.58 8.02
C PHE A 162 -3.21 7.27 8.68
N GLN A 163 -2.01 7.02 8.15
CA GLN A 163 -0.82 7.67 8.70
C GLN A 163 -0.90 9.19 8.55
N LEU A 164 -1.39 9.64 7.40
CA LEU A 164 -1.50 11.08 7.16
C LEU A 164 -2.47 11.76 8.13
N GLU A 165 -3.54 11.05 8.54
CA GLU A 165 -4.51 11.65 9.46
C GLU A 165 -3.86 12.11 10.74
N THR A 166 -2.81 11.41 11.20
CA THR A 166 -2.17 11.71 12.48
C THR A 166 -0.85 12.46 12.33
N THR A 167 -0.58 12.99 11.14
CA THR A 167 0.69 13.66 10.85
C THR A 167 0.43 15.14 10.59
N SER A 168 1.24 15.99 11.23
CA SER A 168 1.12 17.44 11.11
C SER A 168 2.42 18.15 10.74
N SER A 169 3.58 17.51 10.90
CA SER A 169 4.88 18.16 10.71
C SER A 169 5.60 17.73 9.44
N LEU A 170 4.93 17.04 8.52
CA LEU A 170 5.58 16.65 7.27
C LEU A 170 5.73 17.87 6.37
N GLN A 171 6.96 18.15 5.93
CA GLN A 171 7.24 19.17 4.92
C GLN A 171 8.11 18.49 3.87
N ALA A 172 7.45 17.76 2.98
CA ALA A 172 8.16 16.94 2.01
C ALA A 172 8.87 17.79 0.96
N VAL A 173 10.05 17.33 0.55
CA VAL A 173 10.69 17.98 -0.60
C VAL A 173 9.86 17.74 -1.86
N ALA A 174 9.20 16.60 -1.94
CA ALA A 174 8.35 16.27 -3.06
C ALA A 174 7.31 15.29 -2.55
N ALA A 175 6.04 15.54 -2.89
CA ALA A 175 4.94 14.71 -2.41
C ALA A 175 3.98 14.45 -3.56
N THR A 176 3.39 13.25 -3.57
CA THR A 176 2.41 12.90 -4.58
C THR A 176 1.24 12.14 -3.98
N ILE A 177 0.06 12.34 -4.56
CA ILE A 177 -1.02 11.37 -4.51
C ILE A 177 -1.12 10.75 -5.90
N LEU A 178 -0.87 9.45 -6.02
CA LEU A 178 -0.80 8.85 -7.34
C LEU A 178 -2.16 8.75 -8.00
N ASN A 179 -3.19 8.47 -7.22
CA ASN A 179 -4.55 8.25 -7.69
C ASN A 179 -5.42 8.11 -6.44
N VAL A 180 -6.74 8.29 -6.62
CA VAL A 180 -7.70 8.13 -5.53
C VAL A 180 -8.85 7.28 -6.03
N THR A 181 -8.96 6.05 -5.54
CA THR A 181 -10.08 5.19 -5.85
C THR A 181 -10.57 4.58 -4.55
N GLU A 182 -11.83 4.15 -4.54
CA GLU A 182 -12.48 3.76 -3.29
C GLU A 182 -11.64 2.72 -2.54
N ASP A 183 -11.38 3.00 -1.27
CA ASP A 183 -10.72 2.04 -0.40
C ASP A 183 -10.99 2.48 1.03
N HIS A 184 -10.86 1.55 1.97
CA HIS A 184 -10.94 1.86 3.40
C HIS A 184 -12.25 2.51 3.79
N MET A 185 -13.33 2.19 3.10
CA MET A 185 -14.60 2.82 3.43
C MET A 185 -15.08 2.44 4.82
N ASP A 186 -14.64 1.29 5.35
CA ASP A 186 -14.94 0.93 6.73
C ASP A 186 -14.34 1.92 7.74
N ARG A 187 -13.39 2.76 7.31
CA ARG A 187 -12.74 3.76 8.15
C ARG A 187 -13.16 5.19 7.82
N TYR A 188 -13.97 5.39 6.79
CA TYR A 188 -14.30 6.72 6.28
C TYR A 188 -15.80 6.82 6.08
N PRO A 189 -16.55 7.04 7.16
CA PRO A 189 -18.02 7.07 7.05
C PRO A 189 -18.56 8.28 6.33
N PHE A 190 -17.72 9.26 5.98
CA PHE A 190 -18.09 10.34 5.09
C PHE A 190 -17.58 10.11 3.68
N GLY A 191 -17.23 8.87 3.36
CA GLY A 191 -17.07 8.43 2.00
C GLY A 191 -15.79 8.85 1.32
N LEU A 192 -15.84 8.80 0.00
CA LEU A 192 -14.65 8.98 -0.81
C LEU A 192 -13.97 10.32 -0.54
N GLN A 193 -14.74 11.39 -0.37
CA GLN A 193 -14.10 12.69 -0.18
C GLN A 193 -13.40 12.79 1.18
N GLN A 194 -13.86 12.05 2.20
CA GLN A 194 -13.17 12.05 3.48
C GLN A 194 -11.82 11.32 3.36
N TYR A 195 -11.82 10.17 2.69
CA TYR A 195 -10.60 9.46 2.37
C TYR A 195 -9.64 10.33 1.57
N ARG A 196 -10.16 10.99 0.55
CA ARG A 196 -9.35 11.90 -0.25
C ARG A 196 -8.75 13.02 0.61
N ALA A 197 -9.55 13.62 1.50
CA ALA A 197 -9.06 14.71 2.33
C ALA A 197 -7.86 14.28 3.17
N ALA A 198 -7.89 13.07 3.69
CA ALA A 198 -6.75 12.54 4.45
C ALA A 198 -5.49 12.51 3.57
N LEU A 200 -4.91 14.33 0.87
CA LEU A 200 -4.53 15.68 0.48
C LEU A 200 -3.60 16.34 1.51
N ARG A 201 -3.60 15.85 2.75
CA ARG A 201 -2.69 16.38 3.77
C ARG A 201 -1.24 16.26 3.34
N ILE A 202 -0.91 15.30 2.47
CA ILE A 202 0.49 15.06 2.10
C ILE A 202 1.11 16.28 1.44
N TYR A 203 0.31 17.12 0.80
CA TYR A 203 0.82 18.28 0.06
C TYR A 203 1.09 19.48 0.95
N GLU A 204 0.63 19.48 2.18
CA GLU A 204 0.76 20.66 3.02
C GLU A 204 2.23 20.90 3.30
N ASN A 205 2.69 22.11 2.99
CA ASN A 205 4.08 22.51 3.18
C ASN A 205 5.07 21.71 2.34
N ALA A 206 4.61 21.03 1.30
CA ALA A 206 5.53 20.34 0.39
C ALA A 206 6.20 21.35 -0.54
N LYS A 207 7.50 21.16 -0.80
CA LYS A 207 8.18 22.06 -1.72
C LYS A 207 7.63 21.91 -3.14
N VAL A 208 7.48 20.66 -3.59
CA VAL A 208 6.95 20.32 -4.89
C VAL A 208 5.81 19.32 -4.70
N CYS A 209 4.68 19.59 -5.31
CA CYS A 209 3.57 18.65 -5.35
CA CYS A 209 3.57 18.65 -5.37
C CYS A 209 3.50 18.05 -6.75
N VAL A 210 3.35 16.73 -6.81
CA VAL A 210 3.28 15.97 -8.06
C VAL A 210 1.90 15.36 -8.13
N VAL A 211 1.11 15.79 -9.12
CA VAL A 211 -0.27 15.37 -9.28
C VAL A 211 -0.42 14.53 -10.53
N ASN A 212 -1.51 13.75 -10.56
CA ASN A 212 -1.88 12.95 -11.71
C ASN A 212 -2.86 13.75 -12.57
N ALA A 213 -2.41 14.16 -13.75
CA ALA A 213 -3.25 14.95 -14.65
C ALA A 213 -4.51 14.21 -15.05
N ASP A 214 -4.52 12.89 -14.97
CA ASP A 214 -5.68 12.08 -15.35
C ASP A 214 -6.59 11.76 -14.19
N ASP A 215 -6.30 12.26 -12.99
CA ASP A 215 -7.13 11.96 -11.82
C ASP A 215 -7.31 13.26 -11.03
N ALA A 216 -8.43 13.92 -11.23
CA ALA A 216 -8.67 15.22 -10.60
C ALA A 216 -8.66 15.14 -9.08
N LEU A 217 -8.93 13.96 -8.50
CA LEU A 217 -8.97 13.88 -7.05
C LEU A 217 -7.58 13.97 -6.44
N THR A 218 -6.52 13.81 -7.24
CA THR A 218 -5.16 13.97 -6.73
C THR A 218 -4.76 15.42 -6.63
N MET A 219 -5.58 16.33 -7.12
CA MET A 219 -5.26 17.75 -7.16
CA MET A 219 -5.18 17.72 -7.11
C MET A 219 -5.66 18.41 -5.85
N PRO A 220 -4.87 19.33 -5.30
CA PRO A 220 -5.33 20.11 -4.15
C PRO A 220 -6.68 20.75 -4.43
N ILE A 221 -7.50 20.89 -3.39
CA ILE A 221 -8.84 21.46 -3.57
C ILE A 221 -8.75 22.90 -4.06
N ARG A 222 -7.76 23.65 -3.58
CA ARG A 222 -7.55 25.03 -4.04
C ARG A 222 -6.62 25.04 -5.25
N ARG A 227 0.10 24.98 -9.26
CA ARG A 227 1.53 25.12 -9.13
C ARG A 227 2.16 23.73 -8.90
N CYS A 228 1.38 22.66 -9.07
CA CYS A 228 1.94 21.33 -8.99
C CYS A 228 2.51 20.88 -10.33
N VAL A 229 3.57 20.07 -10.27
CA VAL A 229 4.06 19.31 -11.41
C VAL A 229 3.08 18.18 -11.67
N SER A 230 2.86 17.84 -12.94
CA SER A 230 1.91 16.77 -13.25
C SER A 230 2.52 15.65 -14.07
N PHE A 231 1.96 14.45 -13.91
CA PHE A 231 2.23 13.33 -14.79
C PHE A 231 0.91 12.79 -15.34
N GLY A 232 0.97 12.19 -16.51
CA GLY A 232 -0.24 11.62 -17.10
C GLY A 232 0.11 10.82 -18.33
N VAL A 233 -0.94 10.29 -18.98
CA VAL A 233 -0.73 9.48 -20.17
C VAL A 233 -0.51 10.36 -21.40
N ASN A 234 -1.53 11.13 -21.77
CA ASN A 234 -1.49 11.96 -22.97
C ASN A 234 -1.31 13.43 -22.65
N MET A 235 -1.24 13.78 -21.38
CA MET A 235 -0.99 15.15 -20.98
C MET A 235 -0.23 15.11 -19.66
N GLY A 236 0.35 16.24 -19.30
CA GLY A 236 1.17 16.36 -18.11
C GLY A 236 2.57 16.84 -18.42
N ASP A 237 3.23 17.43 -17.41
CA ASP A 237 4.65 17.76 -17.56
C ASP A 237 5.47 16.51 -17.88
N TYR A 238 5.12 15.40 -17.25
CA TYR A 238 5.71 14.08 -17.49
C TYR A 238 4.60 13.25 -18.12
N HIS A 239 4.85 12.69 -19.30
CA HIS A 239 3.77 12.01 -20.02
C HIS A 239 4.35 10.93 -20.92
N LEU A 240 3.46 10.17 -21.55
CA LEU A 240 3.85 9.11 -22.45
C LEU A 240 3.71 9.55 -23.91
N ASN A 241 4.52 8.94 -24.77
CA ASN A 241 4.53 9.20 -26.22
C ASN A 241 4.50 7.83 -26.88
N HIS A 242 3.45 7.55 -27.63
CA HIS A 242 3.29 6.20 -28.20
C HIS A 242 3.80 6.11 -29.64
N GLU A 246 5.30 0.85 -29.54
CA GLU A 246 6.39 1.46 -28.79
CA GLU A 246 6.36 1.39 -28.71
C GLU A 246 5.89 2.58 -27.87
N THR A 247 6.43 2.67 -26.67
CA THR A 247 6.04 3.70 -25.72
C THR A 247 7.29 4.34 -25.11
N TRP A 248 7.24 5.65 -24.99
CA TRP A 248 8.32 6.43 -24.39
C TRP A 248 7.82 7.21 -23.19
N LEU A 249 8.69 7.33 -22.20
CA LEU A 249 8.54 8.35 -21.16
C LEU A 249 9.10 9.66 -21.70
N ARG A 250 8.37 10.74 -21.47
CA ARG A 250 8.78 12.05 -21.92
C ARG A 250 8.65 13.06 -20.79
N VAL A 251 9.45 14.11 -20.87
CA VAL A 251 9.33 15.25 -19.98
C VAL A 251 9.22 16.48 -20.87
N LYS A 252 8.09 17.18 -20.79
CA LYS A 252 7.86 18.40 -21.55
C LYS A 252 8.21 18.22 -23.03
N GLY A 253 7.78 17.10 -23.61
CA GLY A 253 7.95 16.84 -25.02
C GLY A 253 9.27 16.18 -25.40
N GLU A 254 10.19 16.04 -24.46
CA GLU A 254 11.50 15.44 -24.72
C GLU A 254 11.49 13.96 -24.31
N LYS A 255 11.86 13.08 -25.24
CA LYS A 255 11.99 11.68 -24.88
C LYS A 255 13.11 11.48 -23.88
N VAL A 256 12.82 10.73 -22.82
CA VAL A 256 13.84 10.32 -21.85
C VAL A 256 14.02 8.81 -21.72
N LEU A 257 13.04 7.97 -22.07
CA LEU A 257 13.25 6.53 -21.92
C LEU A 257 12.26 5.77 -22.79
N ASN A 258 12.77 4.86 -23.60
CA ASN A 258 11.95 3.89 -24.30
C ASN A 258 11.66 2.76 -23.32
N VAL A 259 10.37 2.52 -23.03
CA VAL A 259 10.01 1.59 -21.97
C VAL A 259 10.37 0.15 -22.29
N LYS A 260 10.83 -0.15 -23.50
CA LYS A 260 11.38 -1.49 -23.74
C LYS A 260 12.57 -1.77 -22.82
N GLU A 261 13.23 -0.72 -22.30
CA GLU A 261 14.34 -0.88 -21.38
C GLU A 261 13.89 -1.13 -19.94
N MET A 262 12.63 -0.90 -19.63
CA MET A 262 12.11 -1.24 -18.31
C MET A 262 11.81 -2.73 -18.22
N LYS A 263 11.86 -3.24 -17.01
CA LYS A 263 11.45 -4.62 -16.73
C LYS A 263 9.97 -4.71 -16.38
N LEU A 264 9.41 -3.62 -15.85
CA LEU A 264 7.98 -3.54 -15.63
C LEU A 264 7.26 -3.28 -16.96
N SER A 265 5.99 -3.67 -17.02
CA SER A 265 5.17 -3.36 -18.17
C SER A 265 3.78 -2.96 -17.72
N GLY A 266 2.97 -2.51 -18.67
CA GLY A 266 1.65 -2.01 -18.40
C GLY A 266 1.64 -0.49 -18.26
N GLN A 267 0.64 0.13 -18.86
CA GLN A 267 0.54 1.59 -18.83
C GLN A 267 0.61 2.15 -17.41
N HIS A 268 -0.07 1.51 -16.43
CA HIS A 268 -0.06 2.06 -15.09
C HIS A 268 1.35 2.03 -14.48
N ASN A 269 2.19 1.08 -14.88
CA ASN A 269 3.57 1.08 -14.42
C ASN A 269 4.41 2.10 -15.15
N TYR A 270 4.06 2.44 -16.38
CA TYR A 270 4.74 3.55 -17.06
C TYR A 270 4.40 4.88 -16.40
N THR A 271 3.13 5.09 -16.00
CA THR A 271 2.86 6.33 -15.25
C THR A 271 3.46 6.28 -13.84
N ASN A 272 3.59 5.09 -13.23
CA ASN A 272 4.34 5.00 -11.98
C ASN A 272 5.78 5.46 -12.19
N ALA A 273 6.38 5.08 -13.33
CA ALA A 273 7.73 5.49 -13.63
C ALA A 273 7.82 7.01 -13.80
N LEU A 274 6.83 7.61 -14.47
CA LEU A 274 6.78 9.06 -14.61
C LEU A 274 6.72 9.74 -13.25
N ALA A 275 5.84 9.26 -12.36
CA ALA A 275 5.71 9.87 -11.05
C ALA A 275 7.01 9.75 -10.27
N ALA A 276 7.65 8.57 -10.32
CA ALA A 276 8.92 8.39 -9.64
C ALA A 276 9.96 9.36 -10.17
N LEU A 277 10.04 9.52 -11.49
CA LEU A 277 11.02 10.44 -12.07
C LEU A 277 10.73 11.87 -11.66
N ALA A 278 9.46 12.27 -11.65
CA ALA A 278 9.13 13.63 -11.24
C ALA A 278 9.55 13.88 -9.79
N LEU A 279 9.34 12.91 -8.92
CA LEU A 279 9.74 13.04 -7.52
C LEU A 279 11.25 13.09 -7.39
N ALA A 280 11.94 12.22 -8.11
CA ALA A 280 13.40 12.19 -8.06
C ALA A 280 13.98 13.49 -8.57
N ASP A 281 13.43 14.01 -9.67
CA ASP A 281 13.89 15.31 -10.20
C ASP A 281 13.70 16.39 -9.14
N ALA A 282 12.52 16.43 -8.51
CA ALA A 282 12.24 17.44 -7.50
C ALA A 282 13.16 17.33 -6.30
N ALA A 283 13.59 16.12 -5.97
CA ALA A 283 14.51 15.90 -4.87
C ALA A 283 15.96 16.18 -5.26
N GLY A 284 16.21 16.54 -6.51
CA GLY A 284 17.54 16.89 -6.94
C GLY A 284 18.41 15.73 -7.38
N LEU A 285 17.83 14.55 -7.58
CA LEU A 285 18.65 13.41 -7.98
C LEU A 285 19.03 13.55 -9.45
N PRO A 286 20.24 13.11 -9.83
CA PRO A 286 20.66 13.24 -11.23
C PRO A 286 19.80 12.39 -12.17
N ARG A 287 19.47 12.98 -13.30
CA ARG A 287 18.57 12.33 -14.25
CA ARG A 287 18.58 12.32 -14.26
C ARG A 287 19.16 11.01 -14.77
N ALA A 288 20.45 10.98 -15.07
CA ALA A 288 21.02 9.80 -15.71
C ALA A 288 20.90 8.57 -14.83
N SER A 289 21.22 8.71 -13.54
CA SER A 289 21.12 7.58 -12.63
C SER A 289 19.66 7.22 -12.34
N SER A 290 18.77 8.20 -12.36
CA SER A 290 17.35 7.90 -12.17
C SER A 290 16.82 7.06 -13.32
N LEU A 291 17.19 7.42 -14.55
CA LEU A 291 16.75 6.63 -15.69
C LEU A 291 17.33 5.23 -15.64
N LYS A 292 18.60 5.10 -15.24
CA LYS A 292 19.19 3.78 -15.09
C LYS A 292 18.39 2.91 -14.13
N ALA A 293 17.97 3.46 -13.00
CA ALA A 293 17.21 2.69 -12.03
C ALA A 293 15.89 2.19 -12.61
N LEU A 294 15.25 2.97 -13.48
CA LEU A 294 14.04 2.49 -14.14
C LEU A 294 14.28 1.24 -14.98
N THR A 295 15.51 1.02 -15.44
CA THR A 295 15.79 -0.15 -16.26
C THR A 295 16.24 -1.36 -15.44
N THR A 296 16.65 -1.17 -14.19
CA THR A 296 17.10 -2.28 -13.37
C THR A 296 16.02 -2.85 -12.45
N PHE A 297 15.01 -2.06 -12.10
CA PHE A 297 14.02 -2.53 -11.13
C PHE A 297 13.13 -3.61 -11.73
N THR A 298 12.98 -4.74 -11.05
CA THR A 298 12.26 -5.88 -11.62
C THR A 298 10.85 -6.09 -11.08
N GLY A 299 10.43 -5.31 -10.10
CA GLY A 299 9.13 -5.49 -9.50
C GLY A 299 9.25 -5.97 -8.07
N LEU A 300 8.12 -6.03 -7.42
CA LEU A 300 8.01 -6.40 -6.03
C LEU A 300 7.27 -7.72 -5.88
N PRO A 301 7.61 -8.54 -4.89
CA PRO A 301 6.80 -9.73 -4.62
C PRO A 301 5.35 -9.32 -4.36
N HIS A 302 4.43 -10.19 -4.78
CA HIS A 302 2.99 -10.04 -4.56
C HIS A 302 2.35 -8.97 -5.42
N ARG A 303 3.09 -8.31 -6.30
CA ARG A 303 2.52 -7.32 -7.20
C ARG A 303 2.64 -7.88 -8.62
N PHE A 304 1.53 -8.42 -9.11
CA PHE A 304 1.46 -9.10 -10.40
C PHE A 304 2.72 -9.93 -10.66
N GLU A 305 3.02 -10.80 -9.70
CA GLU A 305 4.25 -11.58 -9.70
C GLU A 305 4.00 -12.97 -10.30
N VAL A 306 4.72 -13.30 -11.37
CA VAL A 306 4.61 -14.65 -11.91
C VAL A 306 5.34 -15.59 -10.98
N VAL A 307 4.60 -16.46 -10.29
CA VAL A 307 5.24 -17.38 -9.38
C VAL A 307 5.46 -18.75 -10.01
N LEU A 308 4.78 -19.06 -11.10
CA LEU A 308 5.00 -20.32 -11.82
C LEU A 308 4.52 -20.11 -13.24
N GLU A 309 5.35 -20.49 -14.21
CA GLU A 309 4.93 -20.57 -15.61
C GLU A 309 5.32 -21.96 -16.07
N HIS A 310 4.34 -22.83 -16.27
CA HIS A 310 4.63 -24.23 -16.55
C HIS A 310 3.48 -24.85 -17.30
N ASN A 311 3.81 -25.68 -18.29
CA ASN A 311 2.80 -26.39 -19.06
C ASN A 311 1.81 -25.45 -19.72
N GLY A 312 2.27 -24.25 -20.10
CA GLY A 312 1.45 -23.29 -20.78
C GLY A 312 0.54 -22.47 -19.89
N VAL A 313 0.70 -22.54 -18.57
CA VAL A 313 -0.16 -21.83 -17.62
C VAL A 313 0.70 -20.90 -16.80
N ARG A 314 0.24 -19.67 -16.66
CA ARG A 314 0.87 -18.67 -15.81
C ARG A 314 0.05 -18.52 -14.53
N TRP A 315 0.72 -18.67 -13.39
CA TRP A 315 0.13 -18.50 -12.08
C TRP A 315 0.68 -17.19 -11.52
N ILE A 316 -0.19 -16.22 -11.27
CA ILE A 316 0.20 -14.85 -10.97
CA ILE A 316 0.18 -14.83 -10.99
C ILE A 316 -0.28 -14.48 -9.58
N ASN A 317 0.68 -14.13 -8.72
CA ASN A 317 0.42 -13.66 -7.37
C ASN A 317 0.31 -12.14 -7.39
N ASP A 318 -0.92 -11.65 -7.37
CA ASP A 318 -1.21 -10.23 -7.22
C ASP A 318 -1.92 -9.98 -5.89
N SER A 319 -1.43 -10.62 -4.83
CA SER A 319 -2.01 -10.47 -3.50
C SER A 319 -2.02 -9.03 -3.00
N LYS A 320 -1.13 -8.19 -3.51
CA LYS A 320 -1.16 -6.79 -3.10
CA LYS A 320 -1.15 -6.78 -3.13
C LYS A 320 -2.35 -6.03 -3.68
N ALA A 321 -3.18 -6.64 -4.51
CA ALA A 321 -4.39 -6.00 -5.02
C ALA A 321 -5.45 -6.07 -3.92
N THR A 322 -5.43 -5.09 -3.03
CA THR A 322 -6.27 -5.05 -1.85
C THR A 322 -7.46 -4.11 -2.01
N ASN A 323 -7.67 -3.58 -3.20
CA ASN A 323 -8.83 -2.76 -3.50
C ASN A 323 -9.22 -2.97 -4.96
N VAL A 324 -10.37 -2.42 -5.32
CA VAL A 324 -10.94 -2.62 -6.64
C VAL A 324 -10.05 -2.00 -7.70
N GLY A 325 -9.53 -0.79 -7.45
CA GLY A 325 -8.71 -0.13 -8.46
C GLY A 325 -7.46 -0.91 -8.80
N SER A 326 -6.89 -1.61 -7.82
CA SER A 326 -5.69 -2.41 -8.06
C SER A 326 -6.03 -3.64 -8.91
N THR A 327 -7.12 -4.32 -8.60
CA THR A 327 -7.55 -5.44 -9.44
C THR A 327 -7.87 -4.95 -10.84
N GLU A 328 -8.52 -3.78 -10.96
CA GLU A 328 -8.78 -3.23 -12.28
CA GLU A 328 -8.78 -3.21 -12.28
C GLU A 328 -7.49 -3.01 -13.07
N ALA A 329 -6.42 -2.56 -12.41
CA ALA A 329 -5.14 -2.39 -13.09
C ALA A 329 -4.59 -3.72 -13.60
N ALA A 330 -4.87 -4.82 -12.90
CA ALA A 330 -4.46 -6.13 -13.38
C ALA A 330 -5.29 -6.58 -14.59
N LEU A 331 -6.59 -6.28 -14.57
CA LEU A 331 -7.51 -6.81 -15.58
C LEU A 331 -7.59 -5.95 -16.84
N ASN A 332 -7.42 -4.64 -16.71
CA ASN A 332 -7.62 -3.75 -17.85
C ASN A 332 -6.52 -3.96 -18.87
N GLY A 333 -6.88 -4.46 -20.04
CA GLY A 333 -5.92 -4.76 -21.08
C GLY A 333 -5.22 -6.09 -20.94
N LEU A 334 -5.65 -6.92 -19.99
CA LEU A 334 -5.01 -8.19 -19.75
C LEU A 334 -5.22 -9.14 -20.92
N HIS A 335 -4.13 -9.75 -21.40
CA HIS A 335 -4.20 -10.73 -22.47
C HIS A 335 -4.07 -12.14 -21.90
N VAL A 336 -5.04 -12.99 -22.21
CA VAL A 336 -5.02 -14.40 -21.83
C VAL A 336 -5.42 -15.20 -23.05
N ASP A 337 -4.63 -16.21 -23.37
CA ASP A 337 -4.93 -17.00 -24.57
C ASP A 337 -6.15 -17.90 -24.36
N GLY A 338 -6.24 -18.51 -23.19
CA GLY A 338 -7.35 -19.38 -22.87
C GLY A 338 -8.27 -18.74 -21.87
N THR A 339 -8.44 -19.40 -20.73
CA THR A 339 -9.37 -18.96 -19.69
C THR A 339 -8.60 -18.29 -18.56
N LEU A 340 -9.16 -17.20 -18.06
CA LEU A 340 -8.69 -16.55 -16.85
C LEU A 340 -9.44 -17.15 -15.68
N HIS A 341 -8.71 -17.75 -14.75
CA HIS A 341 -9.24 -18.24 -13.48
C HIS A 341 -8.86 -17.19 -12.44
N LEU A 342 -9.85 -16.39 -12.03
CA LEU A 342 -9.61 -15.23 -11.19
C LEU A 342 -10.06 -15.51 -9.76
N LEU A 343 -9.14 -15.36 -8.81
CA LEU A 343 -9.41 -15.53 -7.38
C LEU A 343 -9.69 -14.18 -6.75
N LEU A 344 -10.88 -14.04 -6.17
CA LEU A 344 -11.36 -12.82 -5.52
C LEU A 344 -11.80 -13.17 -4.11
N GLY A 345 -11.48 -12.34 -3.13
CA GLY A 345 -12.01 -12.63 -1.82
C GLY A 345 -11.23 -12.03 -0.68
N GLY A 346 -11.86 -12.10 0.49
CA GLY A 346 -11.33 -11.54 1.71
C GLY A 346 -12.26 -10.48 2.28
N ASP A 347 -11.68 -9.51 2.95
CA ASP A 347 -12.43 -8.43 3.58
C ASP A 347 -12.42 -7.25 2.63
N GLY A 348 -13.56 -6.99 2.02
CA GLY A 348 -13.73 -5.93 1.06
C GLY A 348 -13.80 -4.53 1.61
N LYS A 349 -13.81 -4.33 2.93
CA LYS A 349 -13.77 -3.00 3.51
C LYS A 349 -14.93 -2.13 3.01
N SER A 350 -16.07 -2.76 2.74
CA SER A 350 -17.30 -2.07 2.33
C SER A 350 -17.22 -1.51 0.91
N ALA A 351 -16.28 -1.96 0.11
CA ALA A 351 -16.17 -1.46 -1.25
C ALA A 351 -17.33 -1.91 -2.11
N ASP A 352 -17.64 -1.09 -3.12
CA ASP A 352 -18.49 -1.50 -4.22
C ASP A 352 -17.63 -2.22 -5.26
N PHE A 353 -17.85 -3.51 -5.44
CA PHE A 353 -17.08 -4.31 -6.41
C PHE A 353 -17.58 -4.15 -7.85
N SER A 354 -18.70 -3.47 -8.07
CA SER A 354 -19.30 -3.45 -9.40
CA SER A 354 -19.30 -3.42 -9.40
C SER A 354 -18.39 -2.93 -10.50
N PRO A 355 -17.42 -2.03 -10.26
CA PRO A 355 -16.54 -1.61 -11.36
C PRO A 355 -15.78 -2.75 -12.01
N LEU A 356 -15.62 -3.88 -11.32
CA LEU A 356 -14.91 -5.01 -11.89
C LEU A 356 -15.73 -5.73 -12.96
N ALA A 357 -17.06 -5.60 -12.93
CA ALA A 357 -17.90 -6.44 -13.77
C ALA A 357 -17.63 -6.22 -15.25
N ARG A 358 -17.28 -5.01 -15.67
CA ARG A 358 -17.08 -4.79 -17.09
C ARG A 358 -15.88 -5.55 -17.66
N TYR A 359 -15.00 -6.09 -16.82
CA TYR A 359 -13.87 -6.89 -17.26
C TYR A 359 -14.16 -8.38 -17.29
N LEU A 360 -15.36 -8.80 -16.88
CA LEU A 360 -15.63 -10.21 -16.59
C LEU A 360 -16.64 -10.82 -17.53
N ASN A 361 -16.89 -10.19 -18.68
CA ASN A 361 -17.79 -10.73 -19.69
C ASN A 361 -17.05 -11.72 -20.60
N GLY A 362 -17.82 -12.39 -21.44
CA GLY A 362 -17.24 -13.32 -22.38
C GLY A 362 -17.15 -14.72 -21.82
N ASP A 363 -16.67 -15.61 -22.69
CA ASP A 363 -16.71 -17.04 -22.44
C ASP A 363 -15.43 -17.57 -21.81
N ASN A 364 -14.47 -16.71 -21.49
CA ASN A 364 -13.14 -17.16 -21.09
C ASN A 364 -12.75 -16.66 -19.71
N VAL A 365 -13.72 -16.54 -18.81
CA VAL A 365 -13.44 -16.09 -17.46
CA VAL A 365 -13.50 -16.03 -17.46
C VAL A 365 -14.23 -16.93 -16.47
N ARG A 366 -13.55 -17.32 -15.41
CA ARG A 366 -14.14 -18.06 -14.30
C ARG A 366 -13.71 -17.37 -13.02
N LEU A 367 -14.65 -17.22 -12.08
CA LEU A 367 -14.41 -16.58 -10.80
C LEU A 367 -14.43 -17.61 -9.69
N TYR A 368 -13.48 -17.50 -8.76
CA TYR A 368 -13.40 -18.36 -7.60
C TYR A 368 -13.28 -17.44 -6.39
N CYS A 369 -14.37 -17.35 -5.63
CA CYS A 369 -14.59 -16.29 -4.66
C CYS A 369 -14.58 -16.88 -3.26
N PHE A 370 -13.87 -16.23 -2.33
CA PHE A 370 -13.68 -16.82 -1.01
C PHE A 370 -13.64 -15.72 0.06
N GLY A 371 -13.52 -16.15 1.31
CA GLY A 371 -13.34 -15.22 2.40
C GLY A 371 -14.63 -14.52 2.77
N ARG A 372 -14.47 -13.49 3.62
CA ARG A 372 -15.62 -12.83 4.24
CA ARG A 372 -15.62 -12.83 4.24
C ARG A 372 -16.65 -12.40 3.20
N ASP A 373 -16.19 -11.74 2.13
CA ASP A 373 -17.08 -11.14 1.15
C ASP A 373 -17.21 -11.98 -0.12
N GLY A 374 -16.91 -13.28 -0.03
CA GLY A 374 -16.96 -14.13 -1.21
C GLY A 374 -18.29 -14.08 -1.93
N ALA A 375 -19.40 -14.05 -1.20
CA ALA A 375 -20.70 -14.06 -1.86
C ALA A 375 -20.91 -12.80 -2.69
N GLN A 376 -20.49 -11.64 -2.16
CA GLN A 376 -20.65 -10.39 -2.90
CA GLN A 376 -20.65 -10.39 -2.89
C GLN A 376 -19.83 -10.40 -4.17
N LEU A 377 -18.64 -11.03 -4.13
CA LEU A 377 -17.80 -11.10 -5.31
C LEU A 377 -18.39 -12.06 -6.35
N ALA A 378 -18.93 -13.19 -5.92
CA ALA A 378 -19.53 -14.11 -6.88
C ALA A 378 -20.74 -13.48 -7.55
N ALA A 379 -21.44 -12.58 -6.85
CA ALA A 379 -22.59 -11.90 -7.43
C ALA A 379 -22.22 -11.01 -8.61
N LEU A 380 -20.94 -10.74 -8.84
CA LEU A 380 -20.54 -9.95 -10.00
C LEU A 380 -20.98 -10.64 -11.29
N ARG A 381 -20.90 -11.96 -11.34
CA ARG A 381 -21.35 -12.73 -12.49
C ARG A 381 -21.57 -14.16 -12.03
N PRO A 382 -22.74 -14.46 -11.44
CA PRO A 382 -22.93 -15.76 -10.81
C PRO A 382 -22.74 -16.94 -11.73
N GLU A 383 -23.06 -16.79 -13.02
CA GLU A 383 -23.05 -17.93 -13.93
C GLU A 383 -21.65 -18.46 -14.20
N VAL A 384 -20.60 -17.70 -13.89
CA VAL A 384 -19.24 -18.18 -14.06
C VAL A 384 -18.48 -18.25 -12.73
N ALA A 385 -19.19 -18.18 -11.61
CA ALA A 385 -18.57 -18.03 -10.29
C ALA A 385 -18.81 -19.25 -9.41
N GLU A 386 -17.80 -19.60 -8.64
CA GLU A 386 -17.89 -20.55 -7.53
C GLU A 386 -17.47 -19.84 -6.26
N GLN A 387 -18.06 -20.22 -5.14
CA GLN A 387 -17.73 -19.63 -3.84
C GLN A 387 -17.24 -20.74 -2.92
N THR A 388 -16.13 -20.48 -2.25
CA THR A 388 -15.60 -21.36 -1.21
C THR A 388 -15.37 -20.54 0.04
N GLU A 389 -15.08 -21.23 1.14
CA GLU A 389 -14.69 -20.51 2.35
C GLU A 389 -13.29 -19.95 2.22
N THR A 390 -12.34 -20.76 1.75
CA THR A 390 -10.93 -20.39 1.76
C THR A 390 -10.30 -20.36 0.38
N MET A 391 -9.18 -19.64 0.31
CA MET A 391 -8.40 -19.59 -0.91
C MET A 391 -7.89 -20.97 -1.30
N GLU A 392 -7.45 -21.77 -0.33
CA GLU A 392 -6.96 -23.10 -0.66
C GLU A 392 -8.07 -23.94 -1.29
N GLN A 393 -9.28 -23.88 -0.74
CA GLN A 393 -10.39 -24.60 -1.36
C GLN A 393 -10.61 -24.11 -2.79
N ALA A 394 -10.54 -22.79 -3.00
CA ALA A 394 -10.74 -22.26 -4.35
C ALA A 394 -9.67 -22.78 -5.30
N MET A 395 -8.42 -22.82 -4.85
CA MET A 395 -7.32 -23.29 -5.70
CA MET A 395 -7.35 -23.28 -5.74
C MET A 395 -7.48 -24.76 -6.06
N ARG A 396 -7.88 -25.58 -5.08
CA ARG A 396 -8.05 -27.00 -5.35
C ARG A 396 -9.26 -27.25 -6.25
N LEU A 397 -10.25 -26.34 -6.21
CA LEU A 397 -11.39 -26.43 -7.11
C LEU A 397 -11.01 -26.03 -8.54
N LEU A 398 -10.24 -24.96 -8.71
CA LEU A 398 -9.93 -24.51 -10.07
C LEU A 398 -8.85 -25.34 -10.74
N ALA A 399 -7.92 -25.89 -9.98
CA ALA A 399 -6.75 -26.50 -10.60
C ALA A 399 -7.08 -27.60 -11.60
N PRO A 400 -8.01 -28.51 -11.34
CA PRO A 400 -8.32 -29.53 -12.35
C PRO A 400 -8.86 -28.97 -13.65
N ARG A 401 -9.36 -27.73 -13.64
CA ARG A 401 -9.96 -27.13 -14.82
CA ARG A 401 -9.96 -27.12 -14.81
C ARG A 401 -8.97 -26.33 -15.65
N VAL A 402 -7.73 -26.18 -15.18
CA VAL A 402 -6.75 -25.36 -15.87
C VAL A 402 -6.24 -26.10 -17.10
N GLN A 403 -6.17 -25.41 -18.22
CA GLN A 403 -5.69 -25.94 -19.48
C GLN A 403 -4.55 -25.09 -20.00
N PRO A 404 -3.68 -25.66 -20.85
CA PRO A 404 -2.60 -24.86 -21.42
C PRO A 404 -3.15 -23.64 -22.13
N GLY A 405 -2.52 -22.48 -21.90
CA GLY A 405 -3.01 -21.20 -22.36
C GLY A 405 -3.74 -20.39 -21.30
N ASP A 406 -4.13 -21.03 -20.20
CA ASP A 406 -4.88 -20.35 -19.16
C ASP A 406 -3.97 -19.52 -18.28
N MET A 407 -4.59 -18.64 -17.50
CA MET A 407 -3.94 -17.88 -16.45
C MET A 407 -4.71 -18.08 -15.16
N VAL A 408 -3.99 -18.29 -14.06
CA VAL A 408 -4.57 -18.31 -12.72
C VAL A 408 -4.05 -17.05 -12.03
N LEU A 409 -4.97 -16.16 -11.67
CA LEU A 409 -4.62 -14.84 -11.17
C LEU A 409 -5.25 -14.63 -9.79
N LEU A 410 -4.41 -14.52 -8.78
CA LEU A 410 -4.84 -14.05 -7.45
C LEU A 410 -4.75 -12.53 -7.45
N SER A 411 -5.88 -11.85 -7.57
CA SER A 411 -5.91 -10.38 -7.54
C SER A 411 -7.18 -10.02 -6.80
N PRO A 412 -7.18 -10.11 -5.48
CA PRO A 412 -8.43 -10.42 -4.77
C PRO A 412 -9.34 -9.26 -4.48
N ALA A 413 -8.87 -8.01 -4.66
CA ALA A 413 -9.63 -6.78 -4.53
C ALA A 413 -10.01 -6.48 -3.09
N CYS A 414 -9.39 -7.17 -2.14
CA CYS A 414 -9.79 -7.17 -0.74
C CYS A 414 -8.57 -7.28 0.16
N ALA A 415 -8.72 -6.81 1.39
CA ALA A 415 -7.74 -7.06 2.43
C ALA A 415 -7.77 -8.53 2.84
N SER A 416 -6.66 -8.98 3.41
CA SER A 416 -6.48 -10.38 3.77
C SER A 416 -6.76 -10.68 5.24
N LEU A 417 -7.05 -9.68 6.05
CA LEU A 417 -6.98 -9.83 7.50
C LEU A 417 -8.05 -10.75 8.06
N ASP A 418 -9.11 -11.06 7.32
CA ASP A 418 -10.11 -11.98 7.84
C ASP A 418 -9.57 -13.39 7.97
N GLN A 419 -8.56 -13.78 7.16
CA GLN A 419 -8.05 -15.15 7.14
C GLN A 419 -6.53 -15.29 7.19
N PHE A 420 -5.76 -14.21 7.02
CA PHE A 420 -4.31 -14.28 6.90
C PHE A 420 -3.64 -13.27 7.83
N LYS A 421 -2.37 -13.53 8.14
CA LYS A 421 -1.56 -12.61 8.93
C LYS A 421 -1.31 -11.30 8.20
N ASN A 422 -1.16 -11.36 6.87
CA ASN A 422 -0.86 -10.19 6.02
C ASN A 422 -1.00 -10.64 4.58
N PHE A 423 -1.00 -9.68 3.65
CA PHE A 423 -1.15 -10.03 2.25
C PHE A 423 0.04 -10.84 1.75
N GLU A 424 1.20 -10.71 2.41
CA GLU A 424 2.35 -11.51 2.04
C GLU A 424 2.07 -12.98 2.31
N GLN A 425 1.48 -13.30 3.46
CA GLN A 425 1.14 -14.68 3.76
C GLN A 425 0.16 -15.22 2.73
N ARG A 426 -0.83 -14.42 2.35
CA ARG A 426 -1.78 -14.83 1.32
C ARG A 426 -1.07 -15.13 0.01
N GLY A 427 -0.14 -14.27 -0.40
CA GLY A 427 0.61 -14.50 -1.63
C GLY A 427 1.52 -15.70 -1.53
N ASN A 428 2.19 -15.87 -0.38
CA ASN A 428 3.08 -17.01 -0.21
C ASN A 428 2.30 -18.32 -0.23
N GLU A 429 1.14 -18.35 0.40
CA GLU A 429 0.31 -19.56 0.36
CA GLU A 429 0.33 -19.57 0.36
C GLU A 429 -0.17 -19.85 -1.06
N PHE A 430 -0.55 -18.81 -1.79
CA PHE A 430 -0.91 -18.98 -3.19
C PHE A 430 0.24 -19.59 -3.98
N ALA A 431 1.45 -19.07 -3.78
CA ALA A 431 2.61 -19.57 -4.54
C ALA A 431 2.88 -21.04 -4.20
N ARG A 432 2.79 -21.39 -2.93
CA ARG A 432 3.00 -22.78 -2.52
CA ARG A 432 3.01 -22.78 -2.53
CA ARG A 432 3.02 -22.78 -2.54
C ARG A 432 1.98 -23.69 -3.18
N LEU A 433 0.71 -23.29 -3.16
CA LEU A 433 -0.33 -24.11 -3.78
C LEU A 433 -0.18 -24.16 -5.29
N ALA A 434 0.21 -23.05 -5.93
CA ALA A 434 0.42 -23.06 -7.37
C ALA A 434 1.50 -24.07 -7.73
N LYS A 435 2.57 -24.11 -6.96
CA LYS A 435 3.64 -25.06 -7.25
C LYS A 435 3.17 -26.50 -7.05
N GLU A 436 2.38 -26.74 -6.01
CA GLU A 436 1.85 -28.08 -5.78
C GLU A 436 0.92 -28.49 -6.91
N LEU A 437 0.00 -27.60 -7.30
CA LEU A 437 -1.09 -27.95 -8.20
C LEU A 437 -0.74 -27.75 -9.67
N GLY A 438 0.31 -27.01 -9.97
CA GLY A 438 0.60 -26.60 -11.34
C GLY A 438 1.87 -27.20 -11.90
N GLY A 439 2.59 -27.95 -11.08
N GLY A 439 2.51 -28.06 -11.13
CA GLY A 439 3.82 -28.60 -11.51
CA GLY A 439 3.60 -28.90 -11.63
C GLY A 439 3.89 -30.02 -11.01
C GLY A 439 4.95 -28.23 -11.64
#